data_3N7W
#
_entry.id   3N7W
#
_cell.length_a   49.855
_cell.length_b   68.150
_cell.length_c   75.586
_cell.angle_alpha   90.000
_cell.angle_beta   90.000
_cell.angle_gamma   90.000
#
_symmetry.space_group_name_H-M   'P 21 21 21'
#
loop_
_entity.id
_entity.type
_entity.pdbx_description
1 polymer Beta-lactamase
2 non-polymer '2-{1-[2-AMINO-2-(4-HYDROXY-PHENYL)-ACETYLAMINO]-2-OXO-ETHYL}-5,5-DIMETHYL-THIAZOLIDINE-4-CARBOXYLIC ACID'
3 non-polymer 'PHOSPHATE ION'
4 water water
#
_entity_poly.entity_id   1
_entity_poly.type   'polypeptide(L)'
_entity_poly.pdbx_seq_one_letter_code
;DLADRFAELERRYDARLGVYVPATGTTAAIEYRADERFAFCSTFKAPLVAAVLHQNPLTHLDKLITYTSDDIRSISPVAQ
QHVQTGMTIGQLCDAAIRYSDGTAANLLLADLGGPGGGTAAFTGYLRSLGDTVSRLDAEAPELNRDPPGDERDTTTPHAI
ALVLQQLVLGNALPPDKRALLTDWMARNTTGAKRIRAGFPADWKVIDKTGTGDYGRANDIAVVWSPTGVPYVVAVMSDRA
GGGYDAEPREALLAEAATCVAGVLA
;
_entity_poly.pdbx_strand_id   A
#
loop_
_chem_comp.id
_chem_comp.type
_chem_comp.name
_chem_comp.formula
AXL non-polymer '2-{1-[2-AMINO-2-(4-HYDROXY-PHENYL)-ACETYLAMINO]-2-OXO-ETHYL}-5,5-DIMETHYL-THIAZOLIDINE-4-CARBOXYLIC ACID' 'C16 H21 N3 O5 S'
PO4 non-polymer 'PHOSPHATE ION' 'O4 P -3'
#
# COMPACT_ATOMS: atom_id res chain seq x y z
N ASP A 1 -18.66 -6.69 19.84
CA ASP A 1 -17.33 -7.36 19.83
C ASP A 1 -16.69 -7.25 18.45
N LEU A 2 -15.45 -6.74 18.42
CA LEU A 2 -14.78 -6.39 17.17
C LEU A 2 -14.52 -7.59 16.24
N ALA A 3 -14.01 -8.69 16.78
CA ALA A 3 -13.75 -9.89 15.99
C ALA A 3 -15.06 -10.43 15.40
N ASP A 4 -16.13 -10.34 16.18
CA ASP A 4 -17.46 -10.73 15.69
C ASP A 4 -17.91 -9.87 14.51
N ARG A 5 -17.68 -8.56 14.60
CA ARG A 5 -18.05 -7.64 13.51
C ARG A 5 -17.23 -7.92 12.24
N PHE A 6 -15.93 -8.16 12.39
CA PHE A 6 -15.11 -8.51 11.22
C PHE A 6 -15.55 -9.83 10.59
N ALA A 7 -15.88 -10.81 11.42
CA ALA A 7 -16.34 -12.10 10.88
C ALA A 7 -17.67 -11.94 10.15
N GLU A 8 -18.55 -11.08 10.67
CA GLU A 8 -19.82 -10.76 10.01
C GLU A 8 -19.59 -10.18 8.62
N LEU A 9 -18.59 -9.28 8.52
CA LEU A 9 -18.22 -8.69 7.23
C LEU A 9 -17.66 -9.73 6.26
N GLU A 10 -16.88 -10.67 6.78
CA GLU A 10 -16.39 -11.76 5.93
C GLU A 10 -17.53 -12.55 5.31
N ARG A 11 -18.56 -12.86 6.10
CA ARG A 11 -19.71 -13.59 5.57
C ARG A 11 -20.50 -12.74 4.57
N ARG A 12 -20.62 -11.43 4.84
CA ARG A 12 -21.41 -10.51 4.00
C ARG A 12 -20.82 -10.42 2.60
N TYR A 13 -19.48 -10.40 2.52
CA TYR A 13 -18.79 -10.18 1.26
C TYR A 13 -18.13 -11.44 0.69
N ASP A 14 -18.45 -12.61 1.28
CA ASP A 14 -17.77 -13.87 0.96
C ASP A 14 -16.26 -13.62 0.79
N ALA A 15 -15.66 -13.07 1.85
CA ALA A 15 -14.30 -12.59 1.81
C ALA A 15 -13.45 -13.11 2.96
N ARG A 16 -12.15 -12.95 2.79
CA ARG A 16 -11.20 -13.12 3.88
C ARG A 16 -10.69 -11.69 4.13
N LEU A 17 -10.78 -11.28 5.38
CA LEU A 17 -10.40 -9.93 5.82
C LEU A 17 -9.26 -9.99 6.83
N GLY A 18 -8.28 -9.11 6.65
CA GLY A 18 -7.20 -8.96 7.61
C GLY A 18 -7.08 -7.51 8.02
N VAL A 19 -6.91 -7.29 9.31
CA VAL A 19 -6.85 -5.95 9.90
C VAL A 19 -5.70 -5.88 10.92
N TYR A 20 -4.91 -4.80 10.86
CA TYR A 20 -3.98 -4.49 11.94
C TYR A 20 -3.88 -3.01 12.22
N VAL A 21 -3.92 -2.68 13.51
CA VAL A 21 -3.63 -1.33 14.00
C VAL A 21 -2.64 -1.47 15.17
N PRO A 22 -1.38 -0.97 15.02
CA PRO A 22 -0.39 -1.12 16.08
C PRO A 22 -0.85 -0.49 17.39
N ALA A 23 -0.41 -1.07 18.50
CA ALA A 23 -0.64 -0.47 19.81
C ALA A 23 0.02 0.91 19.88
N THR A 24 -0.62 1.83 20.60
CA THR A 24 -0.02 3.16 20.75
C THR A 24 -0.72 3.95 21.83
N GLY A 25 0.10 4.54 22.69
CA GLY A 25 -0.35 5.27 23.87
C GLY A 25 -1.13 4.35 24.77
N THR A 26 -2.44 4.48 24.69
CA THR A 26 -3.36 3.76 25.57
C THR A 26 -4.32 2.85 24.81
N THR A 27 -4.02 2.57 23.54
CA THR A 27 -4.84 1.60 22.80
C THR A 27 -4.09 0.30 22.56
N ALA A 28 -4.78 -0.81 22.77
CA ALA A 28 -4.21 -2.12 22.48
C ALA A 28 -4.21 -2.27 20.96
N ALA A 29 -3.30 -3.08 20.45
CA ALA A 29 -3.29 -3.41 19.02
C ALA A 29 -4.64 -3.99 18.62
N ILE A 30 -5.11 -3.63 17.42
CA ILE A 30 -6.30 -4.25 16.87
C ILE A 30 -5.78 -5.25 15.83
N GLU A 31 -6.23 -6.50 15.94
CA GLU A 31 -5.72 -7.54 15.03
C GLU A 31 -6.80 -8.55 14.65
N TYR A 32 -6.92 -8.81 13.36
CA TYR A 32 -7.83 -9.83 12.84
C TYR A 32 -7.16 -10.47 11.63
N ARG A 33 -6.84 -11.77 11.72
CA ARG A 33 -6.05 -12.43 10.66
C ARG A 33 -4.78 -11.63 10.33
N ALA A 34 -4.25 -10.93 11.34
CA ALA A 34 -3.19 -9.94 11.11
C ALA A 34 -1.87 -10.55 10.67
N ASP A 35 -1.69 -11.84 10.95
CA ASP A 35 -0.45 -12.54 10.59
C ASP A 35 -0.62 -13.48 9.38
N GLU A 36 -1.81 -13.46 8.78
CA GLU A 36 -2.02 -14.22 7.54
C GLU A 36 -1.47 -13.43 6.36
N ARG A 37 -0.95 -14.14 5.38
CA ARG A 37 -0.44 -13.49 4.16
C ARG A 37 -1.60 -13.06 3.24
N PHE A 38 -1.48 -11.84 2.73
CA PHE A 38 -2.32 -11.31 1.65
C PHE A 38 -1.44 -10.72 0.57
N ALA A 39 -1.88 -10.79 -0.69
CA ALA A 39 -1.16 -10.14 -1.78
C ALA A 39 -0.93 -8.65 -1.46
N PHE A 40 0.29 -8.14 -1.69
CA PHE A 40 0.56 -6.69 -1.62
C PHE A 40 -0.38 -5.92 -2.53
N CYS A 41 -0.56 -6.44 -3.75
CA CYS A 41 -1.07 -5.60 -4.84
C CYS A 41 -0.31 -4.27 -4.83
N SER A 42 -0.98 -3.18 -5.20
CA SER A 42 -0.25 -1.91 -5.28
C SER A 42 0.21 -1.28 -3.98
N THR A 43 -0.13 -1.86 -2.82
CA THR A 43 0.31 -1.24 -1.57
C THR A 43 1.82 -1.16 -1.47
N PHE A 44 2.54 -2.04 -2.20
CA PHE A 44 4.02 -2.02 -2.15
C PHE A 44 4.60 -0.70 -2.66
N LYS A 45 3.85 0.06 -3.43
CA LYS A 45 4.37 1.29 -4.03
C LYS A 45 4.73 2.37 -3.02
N ALA A 46 4.08 2.35 -1.85
CA ALA A 46 4.45 3.26 -0.77
C ALA A 46 5.87 2.99 -0.22
N PRO A 47 6.17 1.76 0.24
CA PRO A 47 7.57 1.54 0.63
C PRO A 47 8.56 1.56 -0.56
N LEU A 48 8.09 1.31 -1.78
CA LEU A 48 8.96 1.43 -2.96
C LEU A 48 9.45 2.87 -3.11
N VAL A 49 8.53 3.83 -2.96
CA VAL A 49 8.92 5.24 -3.08
C VAL A 49 9.91 5.59 -1.95
N ALA A 50 9.66 5.04 -0.76
CA ALA A 50 10.57 5.26 0.37
C ALA A 50 11.95 4.71 0.06
N ALA A 51 12.01 3.51 -0.52
CA ALA A 51 13.29 2.90 -0.91
C ALA A 51 14.07 3.79 -1.85
N VAL A 52 13.39 4.30 -2.89
CA VAL A 52 14.01 5.17 -3.89
C VAL A 52 14.46 6.50 -3.29
N LEU A 53 13.63 7.08 -2.41
CA LEU A 53 14.00 8.30 -1.73
C LEU A 53 15.22 8.08 -0.85
N HIS A 54 15.19 6.99 -0.08
CA HIS A 54 16.30 6.67 0.84
C HIS A 54 17.64 6.47 0.10
N GLN A 55 17.57 5.83 -1.05
CA GLN A 55 18.75 5.37 -1.78
C GLN A 55 19.52 6.52 -2.46
N ASN A 56 18.86 7.66 -2.65
CA ASN A 56 19.43 8.72 -3.49
C ASN A 56 19.36 10.11 -2.86
N PRO A 57 20.26 11.02 -3.30
CA PRO A 57 20.09 12.43 -2.89
C PRO A 57 18.73 12.93 -3.33
N LEU A 58 18.21 13.92 -2.61
CA LEU A 58 16.86 14.39 -2.85
C LEU A 58 16.68 14.87 -4.29
N THR A 59 17.73 15.47 -4.85
CA THR A 59 17.65 15.99 -6.21
C THR A 59 17.74 14.92 -7.34
N HIS A 60 17.88 13.66 -6.97
CA HIS A 60 17.60 12.54 -7.90
C HIS A 60 16.15 12.61 -8.40
N LEU A 61 15.27 13.28 -7.65
CA LEU A 61 13.87 13.46 -8.07
C LEU A 61 13.76 14.19 -9.39
N ASP A 62 14.81 14.92 -9.73
CA ASP A 62 14.78 15.75 -10.91
C ASP A 62 15.33 15.02 -12.15
N LYS A 63 15.80 13.77 -11.97
CA LYS A 63 16.29 12.95 -13.09
C LYS A 63 15.17 12.48 -14.05
N LEU A 64 15.31 12.82 -15.33
CA LEU A 64 14.36 12.38 -16.36
C LEU A 64 14.56 10.91 -16.77
N ILE A 65 13.46 10.14 -16.72
CA ILE A 65 13.47 8.74 -17.12
C ILE A 65 12.65 8.59 -18.40
N THR A 66 13.25 7.97 -19.42
CA THR A 66 12.53 7.70 -20.67
C THR A 66 12.12 6.22 -20.78
N TYR A 67 11.05 6.00 -21.53
CA TYR A 67 10.44 4.68 -21.66
C TYR A 67 9.56 4.69 -22.91
N THR A 68 9.17 3.49 -23.35
CA THR A 68 8.54 3.32 -24.67
C THR A 68 7.27 2.46 -24.60
N SER A 69 6.66 2.19 -25.77
CA SER A 69 5.41 1.44 -25.87
C SER A 69 5.45 0.12 -25.09
N ASP A 70 6.54 -0.62 -25.23
CA ASP A 70 6.61 -1.96 -24.64
C ASP A 70 6.81 -1.96 -23.11
N ASP A 71 6.95 -0.76 -22.53
CA ASP A 71 7.03 -0.61 -21.07
C ASP A 71 5.63 -0.42 -20.43
N ILE A 72 4.60 -0.16 -21.25
CA ILE A 72 3.24 0.01 -20.72
C ILE A 72 2.50 -1.33 -20.73
N ARG A 73 2.44 -1.98 -19.57
CA ARG A 73 2.03 -3.39 -19.48
C ARG A 73 0.95 -3.57 -18.43
N SER A 74 0.48 -2.45 -17.87
CA SER A 74 -0.45 -2.49 -16.74
C SER A 74 -1.16 -1.13 -16.62
N ILE A 75 -2.15 -1.04 -15.73
CA ILE A 75 -2.89 0.20 -15.48
C ILE A 75 -1.88 1.29 -15.11
N SER A 76 -1.85 2.36 -15.92
CA SER A 76 -0.79 3.38 -15.88
C SER A 76 -1.38 4.73 -16.31
N PRO A 77 -2.28 5.31 -15.48
CA PRO A 77 -3.06 6.49 -15.86
C PRO A 77 -2.20 7.69 -16.24
N VAL A 78 -1.04 7.83 -15.59
CA VAL A 78 -0.15 8.96 -15.84
C VAL A 78 0.90 8.60 -16.89
N ALA A 79 1.59 7.47 -16.73
CA ALA A 79 2.71 7.13 -17.61
C ALA A 79 2.32 7.00 -19.08
N GLN A 80 1.06 6.61 -19.33
CA GLN A 80 0.54 6.53 -20.70
C GLN A 80 0.45 7.90 -21.39
N GLN A 81 0.21 8.95 -20.59
CA GLN A 81 0.07 10.34 -21.07
C GLN A 81 1.39 11.03 -21.32
N HIS A 82 2.46 10.53 -20.70
CA HIS A 82 3.74 11.22 -20.74
C HIS A 82 4.79 10.42 -21.49
N VAL A 83 4.37 9.35 -22.14
CA VAL A 83 5.27 8.44 -22.85
C VAL A 83 6.13 9.14 -23.92
N GLN A 84 5.57 10.19 -24.54
CA GLN A 84 6.29 10.93 -25.59
C GLN A 84 7.42 11.81 -25.05
N THR A 85 7.36 12.18 -23.77
CA THR A 85 8.31 13.15 -23.18
C THR A 85 9.21 12.61 -22.06
N GLY A 86 8.82 11.48 -21.46
CA GLY A 86 9.51 10.95 -20.28
C GLY A 86 8.92 11.50 -18.99
N MET A 87 9.36 10.94 -17.86
CA MET A 87 8.93 11.43 -16.56
C MET A 87 10.13 11.46 -15.63
N THR A 88 10.20 12.49 -14.78
CA THR A 88 11.26 12.56 -13.80
C THR A 88 10.97 11.53 -12.70
N ILE A 89 11.99 11.18 -11.94
CA ILE A 89 11.80 10.30 -10.78
C ILE A 89 10.70 10.81 -9.85
N GLY A 90 10.68 12.12 -9.60
CA GLY A 90 9.64 12.72 -8.77
C GLY A 90 8.26 12.52 -9.35
N GLN A 91 8.12 12.73 -10.67
CA GLN A 91 6.84 12.49 -11.34
C GLN A 91 6.43 11.03 -11.21
N LEU A 92 7.41 10.13 -11.31
CA LEU A 92 7.14 8.70 -11.21
C LEU A 92 6.67 8.30 -9.81
N CYS A 93 7.36 8.82 -8.78
CA CYS A 93 6.91 8.61 -7.38
C CYS A 93 5.48 9.12 -7.18
N ASP A 94 5.20 10.32 -7.68
CA ASP A 94 3.88 10.93 -7.57
C ASP A 94 2.81 10.02 -8.19
N ALA A 95 3.07 9.56 -9.41
CA ALA A 95 2.12 8.72 -10.13
C ALA A 95 1.95 7.35 -9.49
N ALA A 96 3.06 6.76 -9.04
CA ALA A 96 3.00 5.44 -8.36
C ALA A 96 2.12 5.48 -7.11
N ILE A 97 2.25 6.56 -6.33
CA ILE A 97 1.45 6.66 -5.11
C ILE A 97 0.03 7.13 -5.39
N ARG A 98 -0.11 8.21 -6.15
CA ARG A 98 -1.38 8.94 -6.22
C ARG A 98 -2.36 8.35 -7.23
N TYR A 99 -1.83 7.71 -8.27
CA TYR A 99 -2.65 7.06 -9.30
C TYR A 99 -2.40 5.56 -9.39
N SER A 100 -1.57 5.05 -8.48
CA SER A 100 -1.19 3.64 -8.49
C SER A 100 -0.73 3.19 -9.88
N ASP A 101 0.12 4.00 -10.49
CA ASP A 101 0.58 3.80 -11.84
C ASP A 101 1.56 2.63 -11.91
N GLY A 102 1.22 1.61 -12.69
CA GLY A 102 2.00 0.36 -12.69
C GLY A 102 3.32 0.51 -13.43
N THR A 103 3.29 1.23 -14.53
CA THR A 103 4.49 1.52 -15.27
C THR A 103 5.45 2.36 -14.42
N ALA A 104 4.90 3.35 -13.73
CA ALA A 104 5.75 4.18 -12.85
C ALA A 104 6.43 3.31 -11.80
N ALA A 105 5.67 2.37 -11.23
CA ALA A 105 6.27 1.51 -10.20
C ALA A 105 7.33 0.58 -10.80
N ASN A 106 7.07 0.05 -11.99
CA ASN A 106 8.04 -0.79 -12.66
C ASN A 106 9.33 -0.03 -12.97
N LEU A 107 9.20 1.24 -13.37
CA LEU A 107 10.39 2.06 -13.66
C LEU A 107 11.15 2.40 -12.38
N LEU A 108 10.42 2.60 -11.29
CA LEU A 108 11.05 2.86 -9.99
C LEU A 108 11.79 1.62 -9.48
N LEU A 109 11.21 0.43 -9.68
CA LEU A 109 11.91 -0.82 -9.36
C LEU A 109 13.24 -0.93 -10.12
N ALA A 110 13.19 -0.61 -11.41
CA ALA A 110 14.40 -0.65 -12.23
C ALA A 110 15.43 0.38 -11.77
N ASP A 111 14.96 1.53 -11.30
CA ASP A 111 15.84 2.56 -10.75
C ASP A 111 16.56 2.06 -9.50
N LEU A 112 15.85 1.32 -8.65
CA LEU A 112 16.45 0.72 -7.46
C LEU A 112 17.52 -0.30 -7.90
N GLY A 113 17.20 -1.04 -8.96
CA GLY A 113 18.16 -1.91 -9.64
C GLY A 113 18.43 -3.23 -8.93
N GLY A 114 19.39 -3.98 -9.46
CA GLY A 114 19.74 -5.28 -8.90
C GLY A 114 18.88 -6.41 -9.46
N PRO A 115 19.10 -7.64 -8.96
CA PRO A 115 18.39 -8.85 -9.44
C PRO A 115 16.87 -8.72 -9.37
N GLY A 116 16.19 -9.43 -10.28
CA GLY A 116 14.72 -9.46 -10.29
C GLY A 116 14.10 -8.13 -10.68
N GLY A 117 14.81 -7.35 -11.47
CA GLY A 117 14.35 -6.02 -11.93
C GLY A 117 14.12 -5.04 -10.80
N GLY A 118 14.82 -5.25 -9.67
CA GLY A 118 14.64 -4.40 -8.50
C GLY A 118 13.84 -5.01 -7.36
N THR A 119 13.17 -6.14 -7.60
CA THR A 119 12.31 -6.75 -6.57
C THR A 119 13.12 -7.25 -5.39
N ALA A 120 14.33 -7.75 -5.66
CA ALA A 120 15.20 -8.21 -4.59
C ALA A 120 15.67 -7.04 -3.69
N ALA A 121 16.06 -5.92 -4.30
CA ALA A 121 16.45 -4.73 -3.52
C ALA A 121 15.25 -4.15 -2.75
N PHE A 122 14.07 -4.23 -3.35
CA PHE A 122 12.86 -3.76 -2.64
C PHE A 122 12.65 -4.59 -1.39
N THR A 123 12.73 -5.90 -1.54
CA THR A 123 12.58 -6.82 -0.41
C THR A 123 13.67 -6.54 0.65
N GLY A 124 14.89 -6.29 0.19
CA GLY A 124 16.01 -5.95 1.10
C GLY A 124 15.76 -4.68 1.88
N TYR A 125 15.12 -3.70 1.24
CA TYR A 125 14.75 -2.48 1.95
C TYR A 125 13.77 -2.79 3.09
N LEU A 126 12.78 -3.66 2.81
CA LEU A 126 11.85 -4.09 3.89
C LEU A 126 12.57 -4.81 5.04
N ARG A 127 13.53 -5.68 4.69
CA ARG A 127 14.31 -6.39 5.71
C ARG A 127 15.08 -5.42 6.61
N SER A 128 15.55 -4.32 6.02
CA SER A 128 16.29 -3.29 6.76
C SER A 128 15.42 -2.57 7.79
N LEU A 129 14.10 -2.63 7.58
CA LEU A 129 13.14 -2.08 8.51
C LEU A 129 12.59 -3.15 9.44
N GLY A 130 13.25 -4.30 9.47
CA GLY A 130 12.90 -5.38 10.39
C GLY A 130 11.74 -6.25 9.96
N ASP A 131 11.27 -6.07 8.73
CA ASP A 131 10.20 -6.89 8.17
C ASP A 131 10.82 -8.15 7.56
N THR A 132 10.69 -9.27 8.27
CA THR A 132 11.24 -10.55 7.83
C THR A 132 10.15 -11.42 7.16
N VAL A 133 8.97 -10.83 6.96
CA VAL A 133 7.78 -11.56 6.48
C VAL A 133 7.48 -11.28 5.01
N SER A 134 7.43 -10.00 4.65
CA SER A 134 7.02 -9.61 3.29
C SER A 134 7.99 -10.04 2.19
N ARG A 135 7.48 -10.20 0.98
CA ARG A 135 8.35 -10.48 -0.16
C ARG A 135 7.74 -9.94 -1.44
N LEU A 136 8.58 -9.34 -2.29
CA LEU A 136 8.15 -9.00 -3.65
C LEU A 136 8.95 -9.83 -4.63
N ASP A 137 8.24 -10.51 -5.53
CA ASP A 137 8.87 -11.45 -6.48
C ASP A 137 8.71 -11.08 -7.94
N ALA A 138 7.73 -10.23 -8.23
CA ALA A 138 7.35 -9.90 -9.60
C ALA A 138 7.04 -8.43 -9.70
N GLU A 139 7.05 -7.90 -10.91
CA GLU A 139 6.54 -6.55 -11.07
C GLU A 139 5.15 -6.59 -11.69
N ALA A 140 4.67 -5.42 -12.10
CA ALA A 140 3.35 -5.32 -12.73
C ALA A 140 3.42 -5.86 -14.16
N PRO A 141 2.38 -6.60 -14.60
CA PRO A 141 1.12 -6.92 -13.93
C PRO A 141 1.13 -8.20 -13.09
N GLU A 142 2.21 -8.98 -13.16
CA GLU A 142 2.23 -10.32 -12.56
C GLU A 142 2.03 -10.34 -11.03
N LEU A 143 2.47 -9.31 -10.34
CA LEU A 143 2.40 -9.31 -8.89
C LEU A 143 0.98 -9.40 -8.30
N ASN A 144 -0.04 -9.02 -9.08
CA ASN A 144 -1.44 -9.07 -8.61
C ASN A 144 -2.14 -10.42 -8.85
N ARG A 145 -1.42 -11.36 -9.46
CA ARG A 145 -2.05 -12.55 -10.09
C ARG A 145 -1.74 -13.90 -9.43
N ASP A 146 -0.91 -13.91 -8.40
CA ASP A 146 -0.56 -15.17 -7.77
C ASP A 146 -1.81 -15.84 -7.23
N PRO A 147 -1.89 -17.19 -7.30
CA PRO A 147 -3.09 -17.83 -6.76
C PRO A 147 -3.26 -17.58 -5.26
N PRO A 148 -4.51 -17.61 -4.76
CA PRO A 148 -4.79 -17.56 -3.33
C PRO A 148 -3.94 -18.56 -2.57
N GLY A 149 -3.34 -18.11 -1.47
CA GLY A 149 -2.45 -18.97 -0.66
C GLY A 149 -0.98 -18.97 -1.06
N ASP A 150 -0.67 -18.59 -2.31
CA ASP A 150 0.70 -18.55 -2.83
C ASP A 150 1.43 -17.46 -2.06
N GLU A 151 2.66 -17.72 -1.63
CA GLU A 151 3.36 -16.72 -0.80
C GLU A 151 4.09 -15.64 -1.60
N ARG A 152 4.22 -15.84 -2.91
CA ARG A 152 4.83 -14.82 -3.75
C ARG A 152 4.08 -13.50 -3.63
N ASP A 153 4.83 -12.39 -3.58
CA ASP A 153 4.25 -11.04 -3.64
C ASP A 153 3.28 -10.78 -2.49
N THR A 154 3.59 -11.31 -1.31
CA THR A 154 2.68 -11.12 -0.17
C THR A 154 3.30 -10.35 0.98
N THR A 155 2.42 -9.79 1.80
CA THR A 155 2.81 -9.21 3.08
C THR A 155 1.74 -9.70 4.06
N THR A 156 1.70 -9.12 5.25
CA THR A 156 0.60 -9.36 6.20
C THR A 156 0.14 -8.01 6.74
N PRO A 157 -1.11 -7.93 7.23
CA PRO A 157 -1.53 -6.63 7.78
C PRO A 157 -0.59 -6.16 8.89
N HIS A 158 -0.15 -7.08 9.75
CA HIS A 158 0.83 -6.78 10.78
C HIS A 158 2.16 -6.22 10.23
N ALA A 159 2.73 -6.92 9.25
CA ALA A 159 4.05 -6.56 8.72
C ALA A 159 4.01 -5.20 8.04
N ILE A 160 3.01 -4.97 7.19
CA ILE A 160 2.97 -3.74 6.41
C ILE A 160 2.61 -2.54 7.29
N ALA A 161 1.82 -2.77 8.34
CA ALA A 161 1.52 -1.69 9.28
C ALA A 161 2.78 -1.20 10.00
N LEU A 162 3.62 -2.14 10.43
CA LEU A 162 4.85 -1.78 11.14
C LEU A 162 5.84 -1.06 10.22
N VAL A 163 5.87 -1.46 8.95
CA VAL A 163 6.68 -0.79 7.92
C VAL A 163 6.17 0.64 7.72
N LEU A 164 4.86 0.79 7.52
CA LEU A 164 4.31 2.12 7.26
C LEU A 164 4.49 3.03 8.47
N GLN A 165 4.36 2.47 9.68
CA GLN A 165 4.58 3.24 10.91
C GLN A 165 5.99 3.84 10.92
N GLN A 166 6.98 3.02 10.59
CA GLN A 166 8.37 3.50 10.57
C GLN A 166 8.60 4.57 9.52
N LEU A 167 7.96 4.42 8.35
CA LEU A 167 8.12 5.34 7.25
C LEU A 167 7.51 6.72 7.50
N VAL A 168 6.30 6.74 8.06
CA VAL A 168 5.53 7.98 8.19
C VAL A 168 5.68 8.60 9.59
N LEU A 169 5.68 7.76 10.61
CA LEU A 169 5.71 8.25 11.99
C LEU A 169 7.08 8.18 12.62
N GLY A 170 7.85 7.15 12.27
CA GLY A 170 9.18 6.95 12.83
C GLY A 170 10.28 7.61 12.03
N ASN A 171 11.50 7.09 12.16
CA ASN A 171 12.68 7.74 11.61
C ASN A 171 13.40 6.94 10.52
N ALA A 172 12.64 6.11 9.78
CA ALA A 172 13.21 5.37 8.66
C ALA A 172 13.77 6.30 7.58
N LEU A 173 13.11 7.42 7.39
CA LEU A 173 13.54 8.44 6.42
C LEU A 173 13.91 9.73 7.15
N PRO A 174 14.84 10.52 6.56
CA PRO A 174 15.05 11.86 7.13
C PRO A 174 13.81 12.73 6.92
N PRO A 175 13.62 13.77 7.75
CA PRO A 175 12.38 14.56 7.70
C PRO A 175 11.96 15.05 6.29
N ASP A 176 12.90 15.47 5.46
CA ASP A 176 12.54 15.99 4.15
C ASP A 176 11.96 14.93 3.23
N LYS A 177 12.58 13.75 3.24
CA LYS A 177 12.10 12.63 2.43
C LYS A 177 10.80 12.07 3.03
N ARG A 178 10.74 12.03 4.36
CA ARG A 178 9.52 11.60 5.06
C ARG A 178 8.33 12.44 4.64
N ALA A 179 8.54 13.77 4.60
CA ALA A 179 7.49 14.71 4.21
C ALA A 179 7.03 14.53 2.77
N LEU A 180 7.95 14.24 1.84
CA LEU A 180 7.59 13.96 0.45
C LEU A 180 6.66 12.74 0.35
N LEU A 181 7.04 11.66 1.02
CA LEU A 181 6.23 10.45 0.99
C LEU A 181 4.87 10.71 1.63
N THR A 182 4.87 11.36 2.79
CA THR A 182 3.63 11.68 3.49
C THR A 182 2.69 12.52 2.61
N ASP A 183 3.23 13.57 1.98
CA ASP A 183 2.40 14.44 1.12
C ASP A 183 1.79 13.73 -0.09
N TRP A 184 2.56 12.85 -0.73
CA TRP A 184 2.02 12.08 -1.86
C TRP A 184 0.88 11.18 -1.39
N MET A 185 1.06 10.50 -0.26
CA MET A 185 0.00 9.64 0.26
C MET A 185 -1.20 10.50 0.70
N ALA A 186 -0.92 11.70 1.23
CA ALA A 186 -1.99 12.64 1.61
C ALA A 186 -2.85 13.05 0.43
N ARG A 187 -2.23 13.14 -0.75
CA ARG A 187 -2.89 13.58 -1.98
C ARG A 187 -3.31 12.42 -2.87
N ASN A 188 -3.36 11.22 -2.31
CA ASN A 188 -3.77 10.05 -3.07
C ASN A 188 -5.18 10.24 -3.65
N THR A 189 -5.39 9.77 -4.88
CA THR A 189 -6.69 9.94 -5.56
C THR A 189 -7.53 8.67 -5.56
N THR A 190 -6.97 7.56 -5.05
CA THR A 190 -7.62 6.26 -5.28
C THR A 190 -8.33 5.69 -4.05
N GLY A 191 -8.28 6.40 -2.93
CA GLY A 191 -8.63 5.83 -1.62
C GLY A 191 -9.92 6.27 -0.95
N ALA A 192 -10.71 7.08 -1.64
CA ALA A 192 -11.89 7.75 -1.05
C ALA A 192 -12.93 6.79 -0.49
N LYS A 193 -13.01 5.59 -1.07
CA LYS A 193 -14.08 4.67 -0.70
C LYS A 193 -13.57 3.53 0.20
N ARG A 194 -12.35 3.68 0.69
CA ARG A 194 -11.78 2.66 1.58
C ARG A 194 -11.62 3.17 3.00
N ILE A 195 -10.40 3.21 3.53
CA ILE A 195 -10.21 3.61 4.92
C ILE A 195 -10.78 5.01 5.17
N ARG A 196 -10.56 5.93 4.22
CA ARG A 196 -11.10 7.29 4.28
C ARG A 196 -12.60 7.31 4.56
N ALA A 197 -13.32 6.38 3.93
CA ALA A 197 -14.78 6.33 4.07
C ALA A 197 -15.25 5.94 5.48
N GLY A 198 -14.37 5.31 6.27
CA GLY A 198 -14.74 4.83 7.60
C GLY A 198 -14.38 5.76 8.75
N PHE A 199 -13.64 6.83 8.45
CA PHE A 199 -13.23 7.82 9.45
C PHE A 199 -13.96 9.15 9.28
N PRO A 200 -14.36 9.79 10.41
CA PRO A 200 -15.02 11.08 10.30
C PRO A 200 -14.14 12.13 9.59
N ALA A 201 -14.79 13.10 8.97
CA ALA A 201 -14.12 14.18 8.22
C ALA A 201 -13.03 14.94 9.00
N ASP A 202 -13.20 15.06 10.32
CA ASP A 202 -12.22 15.78 11.14
C ASP A 202 -10.98 14.96 11.52
N TRP A 203 -10.94 13.70 11.07
CA TRP A 203 -9.72 12.89 11.13
C TRP A 203 -8.98 13.04 9.80
N LYS A 204 -7.67 13.28 9.87
CA LYS A 204 -6.81 13.31 8.68
C LYS A 204 -6.50 11.88 8.27
N VAL A 205 -6.53 11.61 6.97
CA VAL A 205 -6.19 10.29 6.43
C VAL A 205 -5.22 10.43 5.25
N ILE A 206 -4.14 9.65 5.28
CA ILE A 206 -3.27 9.49 4.11
C ILE A 206 -3.23 7.99 3.82
N ASP A 207 -3.11 7.60 2.56
CA ASP A 207 -3.19 6.15 2.28
C ASP A 207 -2.60 5.72 0.95
N LYS A 208 -2.46 4.40 0.80
CA LYS A 208 -2.10 3.79 -0.48
C LYS A 208 -2.93 2.53 -0.62
N THR A 209 -3.66 2.44 -1.73
CA THR A 209 -4.56 1.30 -1.98
C THR A 209 -3.88 0.19 -2.77
N GLY A 210 -4.52 -0.96 -2.85
CA GLY A 210 -4.10 -2.00 -3.79
C GLY A 210 -5.33 -2.76 -4.20
N THR A 211 -5.35 -3.22 -5.46
CA THR A 211 -6.46 -3.99 -5.99
C THR A 211 -5.88 -5.05 -6.94
N GLY A 212 -6.40 -6.26 -6.86
CA GLY A 212 -5.91 -7.34 -7.68
C GLY A 212 -6.98 -8.35 -8.05
N ASP A 213 -6.53 -9.44 -8.66
CA ASP A 213 -7.40 -10.54 -9.03
C ASP A 213 -7.85 -11.29 -7.79
N TYR A 214 -8.78 -12.23 -7.97
CA TYR A 214 -9.39 -12.97 -6.87
C TYR A 214 -10.04 -12.03 -5.85
N GLY A 215 -10.60 -10.93 -6.35
CA GLY A 215 -11.32 -9.97 -5.50
C GLY A 215 -10.46 -9.27 -4.45
N ARG A 216 -9.17 -9.12 -4.73
CA ARG A 216 -8.26 -8.46 -3.79
C ARG A 216 -8.48 -6.97 -3.69
N ALA A 217 -8.64 -6.48 -2.46
CA ALA A 217 -8.73 -5.05 -2.21
C ALA A 217 -8.07 -4.76 -0.87
N ASN A 218 -7.09 -3.86 -0.90
CA ASN A 218 -6.30 -3.49 0.27
C ASN A 218 -6.27 -1.99 0.43
N ASP A 219 -5.93 -1.54 1.63
CA ASP A 219 -5.65 -0.13 1.86
C ASP A 219 -4.78 -0.03 3.10
N ILE A 220 -3.70 0.76 3.02
CA ILE A 220 -2.86 1.01 4.18
C ILE A 220 -2.84 2.52 4.41
N ALA A 221 -3.03 2.93 5.67
CA ALA A 221 -3.21 4.36 5.96
C ALA A 221 -2.54 4.76 7.24
N VAL A 222 -2.26 6.06 7.35
CA VAL A 222 -1.99 6.68 8.63
C VAL A 222 -3.10 7.68 8.84
N VAL A 223 -3.70 7.62 10.01
CA VAL A 223 -4.80 8.52 10.35
C VAL A 223 -4.39 9.34 11.57
N TRP A 224 -4.93 10.56 11.65
CA TRP A 224 -4.70 11.41 12.81
C TRP A 224 -6.03 11.87 13.37
N SER A 225 -6.17 11.73 14.69
CA SER A 225 -7.35 12.20 15.38
C SER A 225 -7.44 13.73 15.29
N PRO A 226 -8.59 14.31 15.64
CA PRO A 226 -8.73 15.77 15.63
C PRO A 226 -7.77 16.48 16.62
N THR A 227 -7.21 15.74 17.58
CA THR A 227 -6.18 16.30 18.49
C THR A 227 -4.75 15.89 18.14
N GLY A 228 -4.58 15.32 16.94
CA GLY A 228 -3.23 15.00 16.44
C GLY A 228 -2.63 13.70 16.94
N VAL A 229 -3.46 12.75 17.34
CA VAL A 229 -2.96 11.46 17.79
C VAL A 229 -2.98 10.51 16.58
N PRO A 230 -1.80 9.99 16.17
CA PRO A 230 -1.79 9.19 14.95
C PRO A 230 -1.96 7.68 15.17
N TYR A 231 -2.58 7.02 14.19
CA TYR A 231 -2.72 5.55 14.20
C TYR A 231 -2.42 5.03 12.80
N VAL A 232 -1.87 3.82 12.73
CA VAL A 232 -1.62 3.18 11.44
C VAL A 232 -2.70 2.12 11.26
N VAL A 233 -3.29 2.06 10.06
CA VAL A 233 -4.44 1.16 9.81
C VAL A 233 -4.16 0.39 8.54
N ALA A 234 -4.06 -0.93 8.66
CA ALA A 234 -3.86 -1.79 7.48
C ALA A 234 -5.07 -2.71 7.36
N VAL A 235 -5.73 -2.64 6.21
CA VAL A 235 -6.86 -3.52 5.91
C VAL A 235 -6.60 -4.19 4.58
N MET A 236 -6.71 -5.52 4.57
CA MET A 236 -6.44 -6.31 3.37
C MET A 236 -7.57 -7.32 3.17
N SER A 237 -7.91 -7.63 1.93
CA SER A 237 -9.02 -8.54 1.73
C SER A 237 -8.91 -9.29 0.42
N ASP A 238 -9.52 -10.46 0.35
CA ASP A 238 -9.70 -11.11 -0.95
C ASP A 238 -11.03 -11.86 -0.95
N ARG A 239 -11.47 -12.26 -2.15
CA ARG A 239 -12.68 -13.03 -2.31
C ARG A 239 -12.39 -14.26 -3.17
N ALA A 240 -11.46 -15.09 -2.71
CA ALA A 240 -10.95 -16.22 -3.49
C ALA A 240 -12.03 -17.23 -3.89
N GLY A 241 -13.10 -17.30 -3.11
CA GLY A 241 -14.25 -18.13 -3.43
C GLY A 241 -14.92 -17.81 -4.75
N GLY A 242 -14.73 -16.59 -5.26
CA GLY A 242 -15.25 -16.24 -6.59
C GLY A 242 -14.29 -16.45 -7.75
N GLY A 243 -13.13 -17.03 -7.48
CA GLY A 243 -12.11 -17.27 -8.52
C GLY A 243 -11.41 -16.02 -9.00
N TYR A 244 -10.65 -16.15 -10.09
CA TYR A 244 -9.76 -15.09 -10.61
C TYR A 244 -10.50 -13.78 -10.85
N ASP A 245 -11.72 -13.89 -11.37
CA ASP A 245 -12.49 -12.72 -11.77
C ASP A 245 -13.42 -12.18 -10.69
N ALA A 246 -13.30 -12.67 -9.45
CA ALA A 246 -14.10 -12.17 -8.34
C ALA A 246 -13.95 -10.65 -8.25
N GLU A 247 -15.06 -9.94 -8.06
CA GLU A 247 -15.01 -8.48 -7.96
C GLU A 247 -14.41 -8.01 -6.63
N PRO A 248 -13.42 -7.10 -6.67
CA PRO A 248 -12.96 -6.49 -5.41
C PRO A 248 -14.11 -5.70 -4.82
N ARG A 249 -14.21 -5.66 -3.50
CA ARG A 249 -15.33 -4.98 -2.85
C ARG A 249 -14.86 -3.93 -1.85
N GLU A 250 -14.74 -2.70 -2.33
CA GLU A 250 -14.29 -1.56 -1.51
C GLU A 250 -15.11 -1.36 -0.24
N ALA A 251 -16.41 -1.65 -0.32
CA ALA A 251 -17.31 -1.43 0.79
C ALA A 251 -16.91 -2.24 2.00
N LEU A 252 -16.33 -3.41 1.77
CA LEU A 252 -15.80 -4.23 2.87
C LEU A 252 -14.76 -3.44 3.66
N LEU A 253 -13.88 -2.75 2.94
CA LEU A 253 -12.81 -2.00 3.58
C LEU A 253 -13.37 -0.78 4.33
N ALA A 254 -14.33 -0.10 3.70
CA ALA A 254 -15.03 1.04 4.33
C ALA A 254 -15.72 0.61 5.64
N GLU A 255 -16.41 -0.53 5.61
CA GLU A 255 -17.07 -1.05 6.80
C GLU A 255 -16.08 -1.47 7.90
N ALA A 256 -15.00 -2.16 7.51
CA ALA A 256 -13.98 -2.55 8.47
C ALA A 256 -13.39 -1.30 9.11
N ALA A 257 -13.08 -0.29 8.29
CA ALA A 257 -12.50 0.96 8.81
C ALA A 257 -13.47 1.68 9.76
N THR A 258 -14.77 1.60 9.47
CA THR A 258 -15.79 2.24 10.32
C THR A 258 -15.76 1.60 11.71
N CYS A 259 -15.63 0.28 11.74
CA CYS A 259 -15.53 -0.46 12.98
C CYS A 259 -14.27 -0.09 13.76
N VAL A 260 -13.14 0.04 13.05
CA VAL A 260 -11.88 0.46 13.66
C VAL A 260 -12.02 1.87 14.22
N ALA A 261 -12.58 2.78 13.42
CA ALA A 261 -12.76 4.19 13.83
C ALA A 261 -13.61 4.32 15.11
N GLY A 262 -14.63 3.48 15.24
CA GLY A 262 -15.48 3.43 16.42
C GLY A 262 -14.70 3.15 17.69
N VAL A 263 -13.72 2.26 17.59
CA VAL A 263 -12.88 1.86 18.73
C VAL A 263 -11.86 2.96 19.06
N LEU A 264 -11.32 3.59 18.01
CA LEU A 264 -10.28 4.59 18.17
C LEU A 264 -10.80 5.96 18.62
N ALA A 265 -12.10 6.21 18.39
CA ALA A 265 -12.71 7.49 18.79
C ALA A 265 -12.79 7.72 20.30
C1 AXL B . -2.20 -2.12 -7.80
O1 AXL B . -3.02 -2.61 -6.96
C2 AXL B . -2.75 -1.89 -9.14
C3 AXL B . -3.36 -0.47 -9.18
S4 AXL B . -4.81 -0.13 -10.30
C5 AXL B . -5.95 0.38 -8.94
C51 AXL B . -6.01 1.89 -8.68
C52 AXL B . -7.30 -0.12 -9.34
C6 AXL B . -5.31 -0.25 -7.73
C61 AXL B . -5.68 0.53 -6.52
O62 AXL B . -4.82 1.12 -6.05
O63 AXL B . -6.77 0.40 -6.03
N7 AXL B . -3.83 -0.14 -7.83
N8 AXL B . -3.74 -2.95 -9.44
C9 AXL B . -4.10 -3.12 -10.84
O91 AXL B . -3.04 -2.89 -11.70
C10 AXL B . -4.56 -4.53 -11.09
N11 AXL B . -4.27 -4.87 -12.45
C12 AXL B . -6.01 -4.70 -10.91
C13 AXL B . -6.79 -3.63 -10.75
C14 AXL B . -8.13 -3.76 -10.54
C15 AXL B . -8.71 -5.00 -10.54
C16 AXL B . -7.91 -6.10 -10.79
C17 AXL B . -6.54 -5.98 -10.95
O18 AXL B . -10.05 -5.16 -10.36
P PO4 C . -5.16 -8.24 -14.25
O1 PO4 C . -6.50 -8.94 -14.27
O2 PO4 C . -4.17 -9.04 -13.43
O3 PO4 C . -4.68 -8.10 -15.68
O4 PO4 C . -5.31 -6.89 -13.60
P PO4 D . 5.78 -9.83 -19.35
O1 PO4 D . 4.65 -9.94 -20.31
O2 PO4 D . 5.32 -9.27 -18.02
O3 PO4 D . 6.36 -11.21 -19.18
O4 PO4 D . 6.86 -8.89 -19.89
#